data_1NU3
#
_entry.id   1NU3
#
_cell.length_a   45.596
_cell.length_b   47.656
_cell.length_c   129.244
_cell.angle_alpha   90.00
_cell.angle_beta   90.00
_cell.angle_gamma   90.00
#
_symmetry.space_group_name_H-M   'P 21 21 21'
#
loop_
_entity.id
_entity.type
_entity.pdbx_description
1 polymer 'limonene-1,2-epoxide hydrolase'
2 non-polymer '2-(N-MORPHOLINO)-ETHANESULFONIC ACID'
3 non-polymer 2-PROPYLPENTANAMIDE
4 water water
#
_entity_poly.entity_id   1
_entity_poly.type   'polypeptide(L)'
_entity_poly.pdbx_seq_one_letter_code
;MASKIEQPRWASKDSAAGAASTPDEKIVLEF(MSE)DALTSNDAAKLIEYFAEDT(MSE)YQN(MSE)PLPPAYGRDAVE
QTLAGLFTV(MSE)SIDAVETFHIGSSNGLVYTERVDVLRALPTGKSYNLSILGVFQLTEGKITGWRDYFDLREFEEAVD
LPLRG
;
_entity_poly.pdbx_strand_id   A,B
#
loop_
_chem_comp.id
_chem_comp.type
_chem_comp.name
_chem_comp.formula
MES non-polymer '2-(N-MORPHOLINO)-ETHANESULFONIC ACID' 'C6 H13 N O4 S'
VPR non-polymer 2-PROPYLPENTANAMIDE 'C8 H17 N O'
#
# COMPACT_ATOMS: atom_id res chain seq x y z
N ILE A 5 -19.73 -2.81 1.18
CA ILE A 5 -18.53 -2.03 0.75
C ILE A 5 -19.04 -0.68 0.25
N GLU A 6 -18.70 0.38 0.94
CA GLU A 6 -19.11 1.71 0.48
C GLU A 6 -18.04 2.28 -0.47
N GLN A 7 -18.45 2.91 -1.58
CA GLN A 7 -17.50 3.59 -2.46
C GLN A 7 -16.84 4.83 -1.81
N PRO A 8 -15.50 4.81 -1.70
CA PRO A 8 -14.79 5.99 -1.17
C PRO A 8 -14.98 7.26 -1.98
N ARG A 9 -15.01 8.40 -1.30
CA ARG A 9 -15.10 9.70 -1.97
C ARG A 9 -14.09 9.85 -3.08
N TRP A 10 -12.87 9.37 -2.79
CA TRP A 10 -11.75 9.55 -3.70
C TRP A 10 -11.69 8.52 -4.83
N ALA A 11 -12.61 7.57 -4.87
CA ALA A 11 -12.52 6.44 -5.82
C ALA A 11 -13.09 6.85 -7.14
N SER A 12 -12.39 6.54 -8.22
CA SER A 12 -12.88 6.86 -9.58
C SER A 12 -14.22 6.21 -9.87
N LYS A 13 -15.09 7.00 -10.52
CA LYS A 13 -16.40 6.52 -10.91
C LYS A 13 -16.38 6.18 -12.41
N ASP A 14 -15.21 6.36 -13.05
CA ASP A 14 -15.00 6.05 -14.45
C ASP A 14 -15.31 4.59 -14.75
N SER A 15 -15.96 4.33 -15.90
CA SER A 15 -16.30 2.95 -16.24
C SER A 15 -15.09 1.99 -16.29
N ALA A 16 -13.93 2.53 -16.63
CA ALA A 16 -12.76 1.70 -16.78
C ALA A 16 -11.95 1.64 -15.46
N ALA A 17 -12.38 2.34 -14.41
CA ALA A 17 -11.69 2.24 -13.11
C ALA A 17 -11.86 0.80 -12.56
N GLY A 18 -10.75 0.22 -12.20
CA GLY A 18 -10.73 -1.10 -11.65
C GLY A 18 -10.77 -2.20 -12.68
N ALA A 19 -10.78 -1.81 -13.97
CA ALA A 19 -10.86 -2.74 -15.09
C ALA A 19 -9.49 -3.01 -15.64
N ALA A 20 -9.24 -4.27 -15.95
CA ALA A 20 -7.96 -4.73 -16.49
C ALA A 20 -7.75 -4.16 -17.89
N SER A 21 -6.54 -3.66 -18.14
CA SER A 21 -6.10 -3.10 -19.42
C SER A 21 -4.93 -3.83 -20.03
N THR A 22 -4.44 -4.88 -19.37
CA THR A 22 -3.36 -5.72 -19.86
C THR A 22 -3.59 -7.16 -19.41
N PRO A 23 -2.91 -8.11 -20.04
CA PRO A 23 -3.00 -9.52 -19.65
C PRO A 23 -2.65 -9.74 -18.15
N ASP A 24 -1.67 -9.04 -17.63
CA ASP A 24 -1.27 -9.23 -16.24
C ASP A 24 -2.34 -8.68 -15.32
N GLU A 25 -2.95 -7.57 -15.73
CA GLU A 25 -4.01 -7.01 -14.90
C GLU A 25 -5.21 -7.92 -14.88
N LYS A 26 -5.48 -8.56 -16.00
CA LYS A 26 -6.58 -9.50 -16.13
C LYS A 26 -6.36 -10.66 -15.17
N ILE A 27 -5.14 -11.21 -15.11
CA ILE A 27 -4.81 -12.36 -14.25
C ILE A 27 -5.03 -11.90 -12.80
N VAL A 28 -4.54 -10.71 -12.46
CA VAL A 28 -4.67 -10.20 -11.07
C VAL A 28 -6.14 -10.08 -10.69
N LEU A 29 -7.02 -9.58 -11.57
CA LEU A 29 -8.42 -9.47 -11.19
C LEU A 29 -9.10 -10.85 -11.11
N GLU A 30 -8.64 -11.82 -11.92
CA GLU A 30 -9.12 -13.22 -11.79
C GLU A 30 -8.72 -13.77 -10.41
N PHE A 31 -7.52 -13.41 -9.98
CA PHE A 31 -6.99 -13.87 -8.69
C PHE A 31 -7.82 -13.22 -7.56
N MSE A 32 -8.19 -11.96 -7.71
CA MSE A 32 -9.01 -11.30 -6.70
C MSE A 32 -10.37 -11.99 -6.57
O MSE A 32 -10.91 -12.06 -5.49
CB MSE A 32 -9.24 -9.81 -7.02
CG MSE A 32 -7.98 -8.93 -6.99
SE MSE A 32 -7.11 -8.89 -5.25
CE MSE A 32 -5.90 -10.26 -5.40
N ASP A 33 -10.95 -12.39 -7.71
CA ASP A 33 -12.23 -13.09 -7.68
C ASP A 33 -12.05 -14.41 -6.93
N ALA A 34 -10.89 -15.05 -7.11
CA ALA A 34 -10.62 -16.34 -6.52
C ALA A 34 -10.36 -16.29 -5.02
N LEU A 35 -9.98 -15.12 -4.49
CA LEU A 35 -9.75 -15.03 -3.05
C LEU A 35 -10.94 -15.45 -2.19
N THR A 36 -12.16 -15.20 -2.63
CA THR A 36 -13.37 -15.53 -1.86
C THR A 36 -13.60 -17.07 -1.78
N SER A 37 -12.81 -17.84 -2.50
CA SER A 37 -12.77 -19.31 -2.31
C SER A 37 -12.29 -19.72 -0.92
N ASN A 38 -11.50 -18.86 -0.26
CA ASN A 38 -10.81 -19.26 0.99
C ASN A 38 -10.10 -20.60 0.88
N ASP A 39 -9.50 -20.89 -0.28
CA ASP A 39 -8.95 -22.19 -0.59
C ASP A 39 -7.54 -22.04 -1.07
N ALA A 40 -6.57 -22.30 -0.18
CA ALA A 40 -5.17 -22.13 -0.46
C ALA A 40 -4.67 -23.00 -1.63
N ALA A 41 -5.21 -24.21 -1.75
CA ALA A 41 -4.80 -25.14 -2.81
C ALA A 41 -5.22 -24.60 -4.17
N LYS A 42 -6.37 -23.97 -4.26
CA LYS A 42 -6.82 -23.28 -5.49
C LYS A 42 -5.93 -22.09 -5.82
N LEU A 43 -5.67 -21.27 -4.80
CA LEU A 43 -4.91 -20.04 -4.99
C LEU A 43 -3.46 -20.25 -5.36
N ILE A 44 -2.84 -21.29 -4.82
CA ILE A 44 -1.42 -21.49 -5.01
C ILE A 44 -1.06 -21.75 -6.48
N GLU A 45 -2.05 -22.22 -7.26
CA GLU A 45 -1.86 -22.49 -8.68
C GLU A 45 -1.57 -21.22 -9.49
N TYR A 46 -1.90 -20.04 -8.94
CA TYR A 46 -1.50 -18.76 -9.55
C TYR A 46 -0.02 -18.40 -9.37
N PHE A 47 0.71 -19.10 -8.51
CA PHE A 47 2.05 -18.72 -8.15
C PHE A 47 3.11 -19.52 -8.88
N ALA A 48 4.19 -18.83 -9.18
CA ALA A 48 5.43 -19.41 -9.71
C ALA A 48 6.13 -20.16 -8.55
N GLU A 49 7.10 -21.03 -8.85
CA GLU A 49 7.88 -21.70 -7.79
C GLU A 49 8.77 -20.72 -7.00
N ASP A 50 9.54 -19.92 -7.73
CA ASP A 50 10.32 -18.81 -7.17
C ASP A 50 9.31 -17.68 -6.94
N THR A 51 8.85 -17.55 -5.72
CA THR A 51 7.75 -16.61 -5.45
C THR A 51 7.81 -16.15 -4.01
N MSE A 52 7.01 -15.15 -3.69
CA MSE A 52 6.89 -14.75 -2.31
C MSE A 52 5.53 -14.09 -2.08
O MSE A 52 4.91 -13.64 -3.02
CB MSE A 52 8.03 -13.81 -1.91
CG MSE A 52 8.11 -12.48 -2.63
SE MSE A 52 6.92 -11.10 -1.89
CE MSE A 52 7.65 -11.13 -0.11
N TYR A 53 5.09 -14.05 -0.83
CA TYR A 53 3.84 -13.41 -0.41
C TYR A 53 4.06 -12.74 0.92
N GLN A 54 3.60 -11.52 1.08
CA GLN A 54 3.70 -10.88 2.35
C GLN A 54 2.57 -9.89 2.60
N ASN A 55 1.88 -10.12 3.70
CA ASN A 55 1.05 -9.08 4.31
C ASN A 55 2.06 -8.23 5.05
N MSE A 56 2.25 -7.00 4.64
CA MSE A 56 3.39 -6.23 5.13
C MSE A 56 3.51 -6.03 6.66
O MSE A 56 4.63 -5.82 7.12
CB MSE A 56 3.53 -4.91 4.37
CG MSE A 56 3.73 -5.09 2.88
SE MSE A 56 5.30 -6.17 2.41
CE MSE A 56 6.61 -4.98 3.05
N PRO A 57 2.44 -6.04 7.44
CA PRO A 57 2.61 -6.00 8.90
C PRO A 57 3.29 -7.24 9.51
N LEU A 58 3.40 -8.27 8.68
CA LEU A 58 3.82 -9.61 9.16
C LEU A 58 4.99 -10.11 8.31
N PRO A 59 5.76 -11.08 8.81
CA PRO A 59 6.87 -11.63 8.01
C PRO A 59 6.47 -12.22 6.66
N PRO A 60 7.39 -12.15 5.72
CA PRO A 60 7.18 -12.67 4.38
C PRO A 60 7.27 -14.19 4.31
N ALA A 61 6.65 -14.75 3.30
CA ALA A 61 6.82 -16.14 2.96
C ALA A 61 7.52 -16.24 1.65
N TYR A 62 8.58 -17.06 1.62
CA TYR A 62 9.36 -17.28 0.39
C TYR A 62 9.26 -18.73 -0.10
N GLY A 63 8.99 -18.88 -1.37
CA GLY A 63 8.80 -20.17 -2.00
C GLY A 63 7.37 -20.62 -1.91
N ARG A 64 6.98 -21.41 -2.88
CA ARG A 64 5.59 -21.72 -3.08
C ARG A 64 4.97 -22.47 -1.88
N ASP A 65 5.74 -23.38 -1.25
CA ASP A 65 5.20 -24.13 -0.12
C ASP A 65 4.92 -23.21 1.08
N ALA A 66 5.84 -22.29 1.40
CA ALA A 66 5.65 -21.37 2.51
C ALA A 66 4.41 -20.50 2.23
N VAL A 67 4.24 -20.10 0.98
CA VAL A 67 3.10 -19.26 0.60
C VAL A 67 1.81 -20.02 0.82
N GLU A 68 1.79 -21.26 0.35
CA GLU A 68 0.58 -22.06 0.50
C GLU A 68 0.24 -22.27 1.97
N GLN A 69 1.24 -22.56 2.78
CA GLN A 69 1.02 -22.87 4.19
C GLN A 69 0.54 -21.62 4.90
N THR A 70 1.06 -20.48 4.51
CA THR A 70 0.61 -19.18 5.06
C THR A 70 -0.86 -18.91 4.72
N LEU A 71 -1.24 -19.09 3.46
CA LEU A 71 -2.63 -18.92 3.08
C LEU A 71 -3.56 -19.91 3.80
N ALA A 72 -3.11 -21.15 3.95
CA ALA A 72 -3.95 -22.15 4.58
C ALA A 72 -4.20 -21.76 6.05
N GLY A 73 -3.15 -21.24 6.68
CA GLY A 73 -3.27 -20.76 8.04
C GLY A 73 -4.23 -19.58 8.15
N LEU A 74 -4.06 -18.63 7.24
CA LEU A 74 -4.90 -17.47 7.28
C LEU A 74 -6.38 -17.86 7.13
N PHE A 75 -6.68 -18.77 6.22
CA PHE A 75 -8.02 -19.21 5.97
C PHE A 75 -8.60 -20.11 7.04
N THR A 76 -7.76 -20.53 7.97
CA THR A 76 -8.24 -21.22 9.19
C THR A 76 -8.81 -20.23 10.22
N VAL A 77 -8.33 -18.99 10.19
CA VAL A 77 -8.81 -17.98 11.13
C VAL A 77 -9.79 -16.96 10.58
N MSE A 78 -9.83 -16.77 9.26
CA MSE A 78 -10.66 -15.73 8.69
C MSE A 78 -11.20 -16.17 7.31
O MSE A 78 -10.59 -17.02 6.63
CB MSE A 78 -9.89 -14.42 8.52
CG MSE A 78 -8.94 -14.46 7.44
SE MSE A 78 -7.88 -12.74 7.49
CE MSE A 78 -6.98 -12.93 9.11
N SER A 79 -12.33 -15.61 6.91
CA SER A 79 -12.90 -15.73 5.58
C SER A 79 -12.83 -14.36 4.88
N ILE A 80 -12.40 -14.39 3.63
CA ILE A 80 -12.53 -13.25 2.73
C ILE A 80 -13.91 -13.38 2.14
N ASP A 81 -14.83 -12.58 2.62
CA ASP A 81 -16.23 -12.63 2.16
C ASP A 81 -16.45 -11.89 0.84
N ALA A 82 -15.62 -10.88 0.55
CA ALA A 82 -15.82 -9.98 -0.60
C ALA A 82 -14.53 -9.19 -0.85
N VAL A 83 -14.29 -8.87 -2.12
CA VAL A 83 -13.15 -8.05 -2.53
C VAL A 83 -13.70 -7.09 -3.54
N GLU A 84 -13.42 -5.81 -3.36
CA GLU A 84 -13.71 -4.87 -4.41
C GLU A 84 -12.48 -4.06 -4.71
N THR A 85 -12.16 -4.02 -5.99
CA THR A 85 -10.99 -3.31 -6.46
C THR A 85 -11.46 -1.99 -7.09
N PHE A 86 -11.09 -0.89 -6.46
CA PHE A 86 -11.51 0.45 -6.89
C PHE A 86 -10.66 0.87 -8.06
N HIS A 87 -9.34 0.60 -7.96
CA HIS A 87 -8.33 1.03 -8.93
C HIS A 87 -7.36 -0.08 -9.21
N ILE A 88 -7.05 -0.26 -10.49
CA ILE A 88 -5.91 -1.13 -10.88
C ILE A 88 -5.07 -0.47 -11.93
N GLY A 89 -3.77 -0.65 -11.83
CA GLY A 89 -2.84 -0.13 -12.82
C GLY A 89 -1.59 -0.95 -12.84
N SER A 90 -0.71 -0.66 -13.77
CA SER A 90 0.51 -1.46 -13.92
C SER A 90 1.55 -0.72 -14.72
N SER A 91 2.80 -1.11 -14.48
CA SER A 91 3.95 -0.71 -15.31
C SER A 91 5.09 -1.64 -15.05
N ASN A 92 5.87 -1.94 -16.10
CA ASN A 92 7.13 -2.62 -15.92
C ASN A 92 7.05 -3.93 -15.12
N GLY A 93 6.01 -4.74 -15.30
CA GLY A 93 5.94 -6.06 -14.72
C GLY A 93 5.28 -6.11 -13.34
N LEU A 94 4.75 -4.98 -12.89
CA LEU A 94 4.10 -4.85 -11.60
C LEU A 94 2.68 -4.32 -11.77
N VAL A 95 1.75 -4.92 -11.06
CA VAL A 95 0.36 -4.56 -11.06
C VAL A 95 0.04 -4.04 -9.67
N TYR A 96 -0.77 -2.99 -9.57
CA TYR A 96 -1.14 -2.39 -8.31
C TYR A 96 -2.66 -2.40 -8.19
N THR A 97 -3.19 -2.75 -7.02
CA THR A 97 -4.64 -2.78 -6.77
C THR A 97 -4.97 -1.98 -5.53
N GLU A 98 -5.86 -0.99 -5.64
CA GLU A 98 -6.39 -0.27 -4.48
C GLU A 98 -7.78 -0.84 -4.23
N ARG A 99 -7.95 -1.48 -3.07
CA ARG A 99 -9.15 -2.25 -2.83
C ARG A 99 -9.60 -2.26 -1.38
N VAL A 100 -10.77 -2.85 -1.18
CA VAL A 100 -11.23 -3.21 0.15
C VAL A 100 -11.50 -4.70 0.16
N ASP A 101 -10.99 -5.38 1.19
CA ASP A 101 -11.34 -6.79 1.42
C ASP A 101 -12.25 -6.86 2.65
N VAL A 102 -13.38 -7.54 2.52
CA VAL A 102 -14.27 -7.73 3.65
C VAL A 102 -13.87 -9.05 4.34
N LEU A 103 -13.38 -8.96 5.57
CA LEU A 103 -12.81 -10.10 6.29
C LEU A 103 -13.66 -10.42 7.49
N ARG A 104 -13.90 -11.70 7.71
CA ARG A 104 -14.67 -12.16 8.86
C ARG A 104 -13.81 -13.09 9.70
N ALA A 105 -13.68 -12.79 10.99
CA ALA A 105 -12.81 -13.59 11.88
C ALA A 105 -13.64 -14.78 12.32
N LEU A 106 -13.21 -15.98 11.95
CA LEU A 106 -13.97 -17.17 12.33
C LEU A 106 -14.15 -17.36 13.85
N PRO A 107 -13.17 -17.10 14.71
CA PRO A 107 -13.38 -17.29 16.17
C PRO A 107 -14.44 -16.39 16.77
N THR A 108 -14.69 -15.23 16.19
CA THR A 108 -15.53 -14.24 16.86
C THR A 108 -16.77 -13.89 16.09
N GLY A 109 -16.78 -14.25 14.80
CA GLY A 109 -17.89 -13.92 13.94
C GLY A 109 -18.03 -12.48 13.52
N LYS A 110 -17.04 -11.65 13.86
CA LYS A 110 -17.02 -10.22 13.58
C LYS A 110 -16.28 -9.95 12.28
N SER A 111 -16.75 -8.94 11.56
CA SER A 111 -16.21 -8.59 10.24
C SER A 111 -15.66 -7.17 10.23
N TYR A 112 -14.82 -6.91 9.26
CA TYR A 112 -14.19 -5.60 9.04
C TYR A 112 -13.87 -5.41 7.60
N ASN A 113 -14.10 -4.18 7.12
CA ASN A 113 -13.74 -3.82 5.76
C ASN A 113 -12.34 -3.19 5.79
N LEU A 114 -11.38 -3.97 5.31
CA LEU A 114 -9.96 -3.64 5.32
C LEU A 114 -9.53 -2.95 4.01
N SER A 115 -9.02 -1.74 4.17
CA SER A 115 -8.51 -0.92 3.05
C SER A 115 -7.08 -1.37 2.76
N ILE A 116 -6.82 -1.77 1.52
CA ILE A 116 -5.54 -2.35 1.11
C ILE A 116 -5.05 -1.74 -0.18
N LEU A 117 -3.74 -1.51 -0.25
CA LEU A 117 -3.09 -1.26 -1.51
C LEU A 117 -2.10 -2.39 -1.66
N GLY A 118 -2.17 -3.10 -2.78
CA GLY A 118 -1.33 -4.26 -3.00
C GLY A 118 -0.61 -4.19 -4.33
N VAL A 119 0.50 -4.90 -4.40
CA VAL A 119 1.35 -4.97 -5.58
C VAL A 119 1.60 -6.45 -5.91
N PHE A 120 1.59 -6.74 -7.21
CA PHE A 120 1.76 -8.11 -7.74
C PHE A 120 2.84 -8.08 -8.82
N GLN A 121 3.83 -8.97 -8.73
CA GLN A 121 4.82 -9.14 -9.79
C GLN A 121 4.50 -10.42 -10.53
N LEU A 122 4.30 -10.36 -11.86
CA LEU A 122 4.04 -11.60 -12.59
C LEU A 122 5.16 -11.83 -13.62
N THR A 123 5.53 -13.08 -13.73
CA THR A 123 6.50 -13.56 -14.73
C THR A 123 5.82 -14.72 -15.52
N GLU A 124 5.76 -14.54 -16.83
CA GLU A 124 4.98 -15.45 -17.70
C GLU A 124 3.62 -15.87 -17.13
N GLY A 125 2.85 -14.86 -16.70
CA GLY A 125 1.51 -15.02 -16.16
C GLY A 125 1.33 -15.66 -14.77
N LYS A 126 2.45 -15.91 -14.08
CA LYS A 126 2.45 -16.48 -12.74
C LYS A 126 2.97 -15.46 -11.71
N ILE A 127 2.49 -15.55 -10.47
CA ILE A 127 2.86 -14.58 -9.45
C ILE A 127 4.22 -14.91 -8.83
N THR A 128 5.15 -13.99 -9.00
CA THR A 128 6.46 -14.07 -8.42
C THR A 128 6.55 -13.28 -7.12
N GLY A 129 5.62 -12.32 -6.92
CA GLY A 129 5.52 -11.65 -5.65
C GLY A 129 4.13 -11.03 -5.48
N TRP A 130 3.64 -11.04 -4.25
CA TRP A 130 2.38 -10.39 -3.90
C TRP A 130 2.56 -9.81 -2.52
N ARG A 131 2.49 -8.48 -2.43
CA ARG A 131 2.59 -7.79 -1.17
C ARG A 131 1.40 -6.87 -0.98
N ASP A 132 0.68 -7.06 0.12
CA ASP A 132 -0.45 -6.20 0.48
C ASP A 132 -0.06 -5.32 1.66
N TYR A 133 -0.38 -4.03 1.51
CA TYR A 133 -0.11 -3.02 2.51
C TYR A 133 -1.41 -2.51 3.14
N PHE A 134 -1.43 -2.48 4.47
CA PHE A 134 -2.61 -2.07 5.24
C PHE A 134 -2.21 -1.96 6.70
N ASP A 135 -3.11 -1.46 7.52
CA ASP A 135 -2.88 -1.38 8.95
C ASP A 135 -3.51 -2.54 9.66
N LEU A 136 -2.70 -3.30 10.39
CA LEU A 136 -3.18 -4.52 11.02
C LEU A 136 -3.96 -4.24 12.30
N ARG A 137 -3.53 -3.24 13.07
CA ARG A 137 -4.08 -3.00 14.39
C ARG A 137 -5.59 -2.72 14.32
N GLU A 138 -5.98 -1.91 13.34
CA GLU A 138 -7.39 -1.50 13.23
C GLU A 138 -8.27 -2.74 12.94
N PHE A 139 -7.73 -3.67 12.16
CA PHE A 139 -8.44 -4.91 11.87
C PHE A 139 -8.55 -5.76 13.14
N GLU A 140 -7.41 -5.99 13.79
CA GLU A 140 -7.40 -6.78 15.04
C GLU A 140 -8.42 -6.26 16.07
N GLU A 141 -8.48 -4.95 16.24
CA GLU A 141 -9.37 -4.32 17.21
C GLU A 141 -10.83 -4.47 16.82
N ALA A 142 -11.15 -4.38 15.55
CA ALA A 142 -12.50 -4.49 15.03
C ALA A 142 -13.08 -5.87 15.29
N VAL A 143 -12.25 -6.89 15.10
CA VAL A 143 -12.76 -8.27 15.10
C VAL A 143 -12.31 -9.10 16.31
N ASP A 144 -11.58 -8.50 17.23
CA ASP A 144 -11.14 -9.15 18.47
C ASP A 144 -10.29 -10.37 18.21
N LEU A 145 -9.41 -10.26 17.22
CA LEU A 145 -8.52 -11.34 16.86
C LEU A 145 -7.10 -10.76 16.79
N PRO A 146 -6.24 -11.07 17.77
CA PRO A 146 -4.88 -10.50 17.82
C PRO A 146 -3.92 -11.29 16.91
N LEU A 147 -4.03 -11.06 15.61
CA LEU A 147 -3.35 -11.85 14.58
C LEU A 147 -1.86 -11.83 14.76
N ARG A 148 -1.35 -10.65 14.98
CA ARG A 148 -0.03 -10.42 15.56
C ARG A 148 -0.14 -10.06 17.05
N GLY A 149 -1.04 -9.10 17.37
CA GLY A 149 -1.22 -8.63 18.74
C GLY A 149 -0.19 -7.57 19.15
N SER B 3 20.87 5.09 9.19
CA SER B 3 19.49 4.83 8.66
C SER B 3 19.57 4.31 7.20
N LYS B 4 20.36 3.23 7.08
CA LYS B 4 20.55 2.48 5.84
C LYS B 4 19.21 1.87 5.39
N ILE B 5 18.96 1.88 4.08
CA ILE B 5 17.81 1.17 3.53
C ILE B 5 18.29 -0.02 2.75
N GLU B 6 17.80 -1.19 3.15
CA GLU B 6 18.13 -2.43 2.48
C GLU B 6 17.29 -2.63 1.20
N GLN B 7 17.97 -2.98 0.11
CA GLN B 7 17.31 -3.39 -1.13
C GLN B 7 16.65 -4.76 -0.93
N PRO B 8 15.32 -4.80 -1.07
CA PRO B 8 14.59 -6.04 -0.80
C PRO B 8 14.88 -7.18 -1.75
N ARG B 9 14.75 -8.40 -1.23
CA ARG B 9 14.94 -9.60 -2.08
C ARG B 9 13.95 -9.63 -3.21
N TRP B 10 12.79 -8.98 -3.00
CA TRP B 10 11.72 -8.92 -3.95
C TRP B 10 11.72 -7.78 -4.94
N ALA B 11 12.73 -6.91 -4.88
CA ALA B 11 12.87 -5.83 -5.86
C ALA B 11 12.83 -6.32 -7.30
N SER B 12 12.10 -5.59 -8.12
CA SER B 12 12.02 -5.92 -9.55
C SER B 12 13.40 -5.77 -10.19
N LYS B 13 13.74 -6.67 -11.13
CA LYS B 13 15.02 -6.57 -11.89
C LYS B 13 14.81 -5.86 -13.25
N ASP B 14 13.60 -5.29 -13.43
CA ASP B 14 13.31 -4.43 -14.58
C ASP B 14 13.71 -2.97 -14.20
N SER B 15 14.76 -2.40 -14.82
CA SER B 15 15.17 -0.98 -14.51
C SER B 15 14.09 0.10 -14.63
N ALA B 16 13.20 -0.09 -15.59
CA ALA B 16 12.15 0.88 -15.80
C ALA B 16 11.21 0.87 -14.60
N ALA B 17 11.12 -0.27 -13.92
CA ALA B 17 10.27 -0.40 -12.72
C ALA B 17 10.70 0.56 -11.61
N GLY B 18 12.00 0.86 -11.53
CA GLY B 18 12.57 1.69 -10.49
C GLY B 18 12.81 3.14 -10.90
N ALA B 19 12.47 3.46 -12.14
CA ALA B 19 12.69 4.83 -12.62
C ALA B 19 11.37 5.46 -13.12
N ALA B 20 11.26 6.78 -12.99
CA ALA B 20 10.08 7.49 -13.52
C ALA B 20 10.07 7.41 -15.06
N SER B 21 8.94 6.96 -15.60
CA SER B 21 8.73 6.73 -17.02
C SER B 21 7.70 7.60 -17.69
N THR B 22 7.05 8.50 -16.92
CA THR B 22 6.10 9.46 -17.46
C THR B 22 6.31 10.80 -16.77
N PRO B 23 5.83 11.88 -17.38
CA PRO B 23 5.91 13.19 -16.70
C PRO B 23 5.29 13.17 -15.25
N ASP B 24 4.14 12.58 -15.06
CA ASP B 24 3.52 12.51 -13.71
C ASP B 24 4.39 11.70 -12.75
N GLU B 25 4.97 10.62 -13.24
CA GLU B 25 5.85 9.84 -12.36
C GLU B 25 7.06 10.64 -11.97
N LYS B 26 7.56 11.50 -12.87
CA LYS B 26 8.73 12.30 -12.54
C LYS B 26 8.43 13.31 -11.44
N ILE B 27 7.25 13.91 -11.47
CA ILE B 27 6.90 14.88 -10.44
C ILE B 27 6.78 14.14 -9.09
N VAL B 28 6.15 12.97 -9.11
CA VAL B 28 6.02 12.19 -7.86
C VAL B 28 7.39 11.91 -7.24
N LEU B 29 8.38 11.52 -8.04
CA LEU B 29 9.74 11.30 -7.53
C LEU B 29 10.42 12.59 -7.03
N GLU B 30 10.14 13.73 -7.71
CA GLU B 30 10.64 15.01 -7.23
C GLU B 30 10.05 15.28 -5.85
N PHE B 31 8.77 14.97 -5.72
CA PHE B 31 8.04 15.18 -4.47
C PHE B 31 8.60 14.29 -3.35
N MSE B 32 8.96 13.04 -3.68
CA MSE B 32 9.55 12.13 -2.70
C MSE B 32 10.91 12.69 -2.22
O MSE B 32 11.20 12.65 -1.03
CB MSE B 32 9.72 10.71 -3.26
CG MSE B 32 8.44 10.04 -3.61
SE MSE B 32 7.32 9.69 -2.07
CE MSE B 32 6.17 11.03 -2.22
N ASP B 33 11.69 13.24 -3.15
CA ASP B 33 12.96 13.90 -2.82
C ASP B 33 12.73 15.08 -1.87
N ALA B 34 11.67 15.82 -2.10
CA ALA B 34 11.37 17.00 -1.31
C ALA B 34 10.93 16.69 0.11
N LEU B 35 10.38 15.50 0.34
CA LEU B 35 9.82 15.16 1.68
C LEU B 35 10.83 15.34 2.80
N THR B 36 12.13 15.14 2.51
CA THR B 36 13.20 15.26 3.52
C THR B 36 13.45 16.70 3.98
N SER B 37 12.80 17.64 3.32
CA SER B 37 12.76 19.04 3.74
C SER B 37 12.08 19.22 5.08
N ASN B 38 11.18 18.29 5.43
CA ASN B 38 10.34 18.45 6.62
C ASN B 38 9.60 19.78 6.68
N ASP B 39 9.22 20.29 5.52
CA ASP B 39 8.74 21.66 5.39
C ASP B 39 7.36 21.72 4.71
N ALA B 40 6.31 21.82 5.51
CA ALA B 40 4.98 21.73 5.02
C ALA B 40 4.65 22.87 4.05
N ALA B 41 5.13 24.06 4.35
CA ALA B 41 4.95 25.23 3.46
C ALA B 41 5.55 25.01 2.07
N LYS B 42 6.72 24.39 2.00
CA LYS B 42 7.36 24.08 0.73
C LYS B 42 6.55 22.98 0.01
N LEU B 43 6.22 21.93 0.76
CA LEU B 43 5.62 20.73 0.20
C LEU B 43 4.22 20.96 -0.34
N ILE B 44 3.48 21.88 0.27
CA ILE B 44 2.14 22.15 -0.12
C ILE B 44 2.03 22.75 -1.53
N GLU B 45 3.11 23.37 -2.02
CA GLU B 45 3.13 23.89 -3.41
C GLU B 45 2.90 22.78 -4.46
N TYR B 46 3.19 21.52 -4.11
CA TYR B 46 2.90 20.38 -4.99
C TYR B 46 1.42 20.06 -5.16
N PHE B 47 0.56 20.59 -4.28
CA PHE B 47 -0.85 20.22 -4.21
C PHE B 47 -1.75 21.21 -4.92
N ALA B 48 -2.78 20.69 -5.56
CA ALA B 48 -3.88 21.52 -6.06
C ALA B 48 -4.69 22.08 -4.89
N GLU B 49 -5.49 23.14 -5.14
CA GLU B 49 -6.42 23.63 -4.10
C GLU B 49 -7.44 22.59 -3.70
N ASP B 50 -7.98 21.87 -4.67
CA ASP B 50 -8.94 20.80 -4.39
C ASP B 50 -8.13 19.51 -4.40
N THR B 51 -7.97 18.95 -3.23
CA THR B 51 -7.02 17.84 -3.05
C THR B 51 -7.37 17.06 -1.79
N MSE B 52 -6.64 15.99 -1.55
CA MSE B 52 -6.81 15.23 -0.31
C MSE B 52 -5.57 14.42 -0.07
O MSE B 52 -4.87 14.07 -1.01
CB MSE B 52 -8.04 14.31 -0.35
CG MSE B 52 -8.03 13.12 -1.35
SE MSE B 52 -7.03 11.51 -0.70
CE MSE B 52 -7.92 11.22 0.80
N TYR B 53 -5.32 14.14 1.21
CA TYR B 53 -4.15 13.37 1.67
C TYR B 53 -4.61 12.48 2.79
N GLN B 54 -4.21 11.21 2.75
CA GLN B 54 -4.51 10.35 3.90
C GLN B 54 -3.40 9.32 4.09
N ASN B 55 -2.91 9.27 5.32
CA ASN B 55 -2.17 8.13 5.80
C ASN B 55 -3.25 7.17 6.24
N MSE B 56 -3.36 6.05 5.55
CA MSE B 56 -4.56 5.23 5.67
C MSE B 56 -4.93 4.73 7.08
O MSE B 56 -6.13 4.52 7.31
CB MSE B 56 -4.62 4.10 4.64
CG MSE B 56 -4.61 4.53 3.18
SE MSE B 56 -6.10 5.73 2.74
CE MSE B 56 -7.55 4.55 2.98
N PRO B 57 -4.01 4.52 8.01
CA PRO B 57 -4.38 4.25 9.40
C PRO B 57 -5.10 5.39 10.13
N LEU B 58 -5.09 6.58 9.53
CA LEU B 58 -5.57 7.79 10.20
C LEU B 58 -6.59 8.51 9.30
N PRO B 59 -7.40 9.41 9.86
CA PRO B 59 -8.43 10.09 9.06
C PRO B 59 -7.87 10.92 7.90
N PRO B 60 -8.63 11.05 6.82
CA PRO B 60 -8.19 11.85 5.67
C PRO B 60 -8.32 13.34 5.92
N ALA B 61 -7.53 14.10 5.20
CA ALA B 61 -7.56 15.54 5.15
C ALA B 61 -8.09 15.93 3.79
N TYR B 62 -9.15 16.74 3.72
CA TYR B 62 -9.69 17.21 2.45
C TYR B 62 -9.50 18.70 2.29
N GLY B 63 -8.98 19.09 1.14
CA GLY B 63 -8.62 20.47 0.84
C GLY B 63 -7.21 20.82 1.24
N ARG B 64 -6.61 21.73 0.46
CA ARG B 64 -5.20 22.05 0.58
C ARG B 64 -4.85 22.56 1.98
N ASP B 65 -5.72 23.35 2.62
CA ASP B 65 -5.39 23.85 3.96
C ASP B 65 -5.32 22.73 5.03
N ALA B 66 -6.29 21.82 5.01
CA ALA B 66 -6.31 20.66 5.90
C ALA B 66 -5.06 19.84 5.65
N VAL B 67 -4.64 19.72 4.38
CA VAL B 67 -3.48 18.90 4.05
C VAL B 67 -2.24 19.55 4.67
N GLU B 68 -2.11 20.86 4.47
CA GLU B 68 -0.96 21.57 4.95
C GLU B 68 -0.88 21.48 6.47
N GLN B 69 -2.02 21.60 7.13
CA GLN B 69 -2.08 21.55 8.57
C GLN B 69 -1.69 20.19 9.13
N THR B 70 -2.09 19.14 8.41
CA THR B 70 -1.73 17.80 8.77
C THR B 70 -0.23 17.56 8.60
N LEU B 71 0.32 17.94 7.47
CA LEU B 71 1.78 17.83 7.24
C LEU B 71 2.58 18.61 8.31
N ALA B 72 2.12 19.81 8.62
CA ALA B 72 2.77 20.62 9.65
C ALA B 72 2.78 19.95 11.02
N GLY B 73 1.70 19.31 11.38
CA GLY B 73 1.61 18.55 12.60
C GLY B 73 2.55 17.37 12.53
N LEU B 74 2.54 16.61 11.42
CA LEU B 74 3.43 15.45 11.33
C LEU B 74 4.91 15.86 11.48
N PHE B 75 5.31 16.97 10.84
CA PHE B 75 6.71 17.42 10.90
C PHE B 75 7.06 18.08 12.23
N THR B 76 6.08 18.24 13.10
CA THR B 76 6.34 18.65 14.51
C THR B 76 6.80 17.48 15.37
N VAL B 77 6.39 16.26 14.99
CA VAL B 77 6.74 15.11 15.76
C VAL B 77 7.74 14.15 15.14
N MSE B 78 7.96 14.23 13.82
CA MSE B 78 8.89 13.30 13.18
C MSE B 78 9.64 14.02 12.09
O MSE B 78 9.16 15.01 11.56
CB MSE B 78 8.20 12.10 12.57
CG MSE B 78 7.34 12.43 11.44
SE MSE B 78 6.27 10.83 10.90
CE MSE B 78 5.22 10.75 12.37
N SER B 79 10.84 13.53 11.78
CA SER B 79 11.59 13.91 10.59
C SER B 79 11.58 12.74 9.61
N ILE B 80 11.34 13.03 8.34
CA ILE B 80 11.59 12.06 7.26
C ILE B 80 13.07 12.23 6.89
N ASP B 81 13.87 11.27 7.30
CA ASP B 81 15.32 11.35 7.10
C ASP B 81 15.74 10.84 5.73
N ALA B 82 14.94 9.96 5.13
CA ALA B 82 15.26 9.42 3.81
C ALA B 82 13.99 8.80 3.20
N VAL B 83 13.94 8.77 1.86
CA VAL B 83 12.89 8.08 1.13
C VAL B 83 13.57 7.29 0.03
N GLU B 84 13.35 5.98 -0.05
CA GLU B 84 13.73 5.24 -1.23
C GLU B 84 12.56 4.55 -1.88
N THR B 85 12.40 4.77 -3.19
CA THR B 85 11.29 4.27 -3.93
C THR B 85 11.87 3.17 -4.78
N PHE B 86 11.54 1.95 -4.45
CA PHE B 86 11.93 0.79 -5.24
C PHE B 86 11.21 0.65 -6.57
N HIS B 87 9.90 0.94 -6.57
CA HIS B 87 9.06 0.67 -7.73
C HIS B 87 8.13 1.85 -7.91
N ILE B 88 7.92 2.24 -9.16
CA ILE B 88 6.96 3.28 -9.48
C ILE B 88 6.31 2.90 -10.82
N GLY B 89 5.01 3.07 -10.91
CA GLY B 89 4.31 2.82 -12.14
C GLY B 89 3.03 3.59 -12.17
N SER B 90 2.34 3.56 -13.29
CA SER B 90 1.11 4.32 -13.41
C SER B 90 0.16 3.79 -14.48
N SER B 91 -1.13 4.09 -14.29
CA SER B 91 -2.25 3.78 -15.21
C SER B 91 -3.44 4.66 -14.78
N ASN B 92 -4.21 5.17 -15.74
CA ASN B 92 -5.51 5.73 -15.46
C ASN B 92 -5.48 6.95 -14.57
N GLY B 93 -4.40 7.70 -14.68
CA GLY B 93 -4.25 8.94 -13.97
C GLY B 93 -3.77 8.72 -12.55
N LEU B 94 -3.35 7.48 -12.20
CA LEU B 94 -2.80 7.22 -10.86
C LEU B 94 -1.37 6.70 -10.94
N VAL B 95 -0.52 7.23 -10.08
CA VAL B 95 0.86 6.81 -9.91
C VAL B 95 1.01 6.02 -8.60
N TYR B 96 1.65 4.86 -8.65
CA TYR B 96 1.83 4.03 -7.46
C TYR B 96 3.33 4.01 -7.10
N THR B 97 3.66 4.08 -5.82
CA THR B 97 5.06 4.01 -5.41
C THR B 97 5.22 2.98 -4.31
N GLU B 98 6.18 2.08 -4.46
CA GLU B 98 6.51 1.13 -3.38
C GLU B 98 7.80 1.60 -2.79
N ARG B 99 7.81 1.97 -1.49
CA ARG B 99 8.99 2.56 -0.89
C ARG B 99 9.26 2.22 0.55
N VAL B 100 10.36 2.75 1.05
CA VAL B 100 10.66 2.82 2.49
C VAL B 100 10.92 4.28 2.82
N ASP B 101 10.26 4.80 3.86
CA ASP B 101 10.57 6.12 4.42
C ASP B 101 11.26 5.87 5.74
N VAL B 102 12.43 6.49 5.98
CA VAL B 102 13.13 6.40 7.24
C VAL B 102 12.64 7.56 8.08
N LEU B 103 11.95 7.22 9.18
CA LEU B 103 11.28 8.18 10.04
C LEU B 103 11.95 8.21 11.40
N ARG B 104 12.18 9.42 11.92
CA ARG B 104 12.80 9.59 13.22
C ARG B 104 11.85 10.40 14.09
N ALA B 105 11.56 9.87 15.28
CA ALA B 105 10.68 10.56 16.21
C ALA B 105 11.46 11.66 16.91
N LEU B 106 10.95 12.88 16.88
CA LEU B 106 11.66 13.98 17.50
C LEU B 106 11.69 13.89 19.02
N PRO B 107 10.60 13.48 19.69
CA PRO B 107 10.63 13.30 21.15
C PRO B 107 11.65 12.25 21.63
N THR B 108 11.95 11.25 20.84
CA THR B 108 12.72 10.10 21.37
C THR B 108 14.06 9.82 20.75
N GLY B 109 14.35 10.44 19.62
CA GLY B 109 15.52 10.15 18.82
C GLY B 109 15.58 8.82 18.12
N LYS B 110 14.49 8.04 18.22
CA LYS B 110 14.48 6.68 17.64
C LYS B 110 13.97 6.73 16.19
N SER B 111 14.54 5.87 15.33
CA SER B 111 14.21 5.79 13.91
C SER B 111 13.59 4.44 13.57
N TYR B 112 12.85 4.43 12.45
CA TYR B 112 12.24 3.21 11.95
C TYR B 112 12.17 3.31 10.46
N ASN B 113 12.45 2.22 9.77
CA ASN B 113 12.26 2.12 8.34
C ASN B 113 10.86 1.61 8.06
N LEU B 114 10.01 2.48 7.54
CA LEU B 114 8.63 2.18 7.33
C LEU B 114 8.39 1.81 5.87
N SER B 115 7.88 0.59 5.63
CA SER B 115 7.53 0.12 4.29
C SER B 115 6.14 0.67 3.94
N ILE B 116 6.09 1.34 2.79
CA ILE B 116 4.86 2.01 2.33
C ILE B 116 4.55 1.69 0.88
N LEU B 117 3.27 1.52 0.58
CA LEU B 117 2.81 1.50 -0.79
C LEU B 117 1.86 2.68 -0.88
N GLY B 118 2.07 3.58 -1.84
CA GLY B 118 1.28 4.79 -1.94
C GLY B 118 0.77 5.05 -3.34
N VAL B 119 -0.31 5.81 -3.40
CA VAL B 119 -0.94 6.15 -4.67
C VAL B 119 -1.16 7.66 -4.71
N PHE B 120 -0.95 8.21 -5.91
CA PHE B 120 -1.01 9.64 -6.15
C PHE B 120 -1.89 9.90 -7.35
N GLN B 121 -2.75 10.90 -7.29
CA GLN B 121 -3.48 11.37 -8.45
C GLN B 121 -3.01 12.81 -8.74
N LEU B 122 -2.60 13.05 -9.99
CA LEU B 122 -2.09 14.36 -10.42
C LEU B 122 -3.00 14.89 -11.49
N THR B 123 -3.34 16.15 -11.33
CA THR B 123 -4.15 16.86 -12.31
C THR B 123 -3.33 18.08 -12.74
N GLU B 124 -3.02 18.13 -14.04
CA GLU B 124 -2.13 19.18 -14.60
C GLU B 124 -0.87 19.38 -13.75
N GLY B 125 -0.29 18.25 -13.31
CA GLY B 125 0.98 18.22 -12.62
C GLY B 125 0.89 18.55 -11.13
N LYS B 126 -0.32 18.76 -10.60
CA LYS B 126 -0.51 19.07 -9.19
C LYS B 126 -1.23 17.94 -8.47
N ILE B 127 -0.90 17.70 -7.19
CA ILE B 127 -1.49 16.54 -6.52
C ILE B 127 -2.93 16.78 -6.14
N THR B 128 -3.83 15.96 -6.63
CA THR B 128 -5.21 16.00 -6.22
C THR B 128 -5.63 14.90 -5.25
N GLY B 129 -4.77 13.90 -5.08
CA GLY B 129 -5.01 12.86 -4.08
C GLY B 129 -3.69 12.18 -3.75
N TRP B 130 -3.47 11.86 -2.48
CA TRP B 130 -2.27 11.07 -2.10
C TRP B 130 -2.68 10.21 -0.91
N ARG B 131 -2.57 8.91 -1.07
CA ARG B 131 -2.91 7.96 -0.01
C ARG B 131 -1.75 6.98 0.19
N ASP B 132 -1.20 6.90 1.41
CA ASP B 132 -0.13 6.00 1.74
C ASP B 132 -0.68 4.91 2.66
N TYR B 133 -0.37 3.66 2.32
CA TYR B 133 -0.80 2.47 3.04
C TYR B 133 0.41 1.84 3.70
N PHE B 134 0.24 1.53 4.99
CA PHE B 134 1.31 0.99 5.83
C PHE B 134 0.72 0.61 7.16
N ASP B 135 1.53 -0.06 7.96
CA ASP B 135 1.16 -0.42 9.30
C ASP B 135 1.65 0.58 10.32
N LEU B 136 0.75 1.14 11.10
CA LEU B 136 1.12 2.23 12.00
C LEU B 136 1.69 1.71 13.32
N ARG B 137 1.17 0.59 13.83
CA ARG B 137 1.56 0.09 15.13
C ARG B 137 3.05 -0.22 15.19
N GLU B 138 3.58 -0.87 14.16
CA GLU B 138 4.98 -1.26 14.19
C GLU B 138 5.91 -0.02 14.28
N PHE B 139 5.51 1.06 13.62
CA PHE B 139 6.25 2.31 13.69
C PHE B 139 6.13 2.88 15.11
N GLU B 140 4.93 2.98 15.64
CA GLU B 140 4.73 3.57 16.96
C GLU B 140 5.57 2.84 18.03
N GLU B 141 5.57 1.51 17.97
CA GLU B 141 6.30 0.70 18.96
C GLU B 141 7.82 0.85 18.77
N ALA B 142 8.28 0.94 17.53
CA ALA B 142 9.70 1.05 17.21
C ALA B 142 10.29 2.35 17.78
N VAL B 143 9.56 3.43 17.65
CA VAL B 143 10.08 4.77 18.02
C VAL B 143 9.49 5.37 19.32
N ASP B 144 8.60 4.63 19.98
CA ASP B 144 7.98 5.08 21.25
C ASP B 144 7.18 6.37 21.12
N LEU B 145 6.40 6.44 20.06
CA LEU B 145 5.57 7.61 19.72
C LEU B 145 4.18 7.06 19.36
N PRO B 146 3.25 7.05 20.29
CA PRO B 146 1.89 6.56 20.07
C PRO B 146 1.07 7.56 19.24
N LEU B 147 1.34 7.63 17.95
CA LEU B 147 0.79 8.65 17.06
C LEU B 147 -0.72 8.61 17.05
N ARG B 148 -1.24 7.40 16.88
CA ARG B 148 -2.63 7.07 17.16
C ARG B 148 -2.76 6.48 18.55
N GLY B 149 -2.03 5.38 18.85
CA GLY B 149 -2.12 4.70 20.11
C GLY B 149 -3.13 3.57 20.12
O1 MES C . 10.86 -12.87 -5.88
C2 MES C . 10.42 -14.12 -5.41
C3 MES C . 11.40 -14.66 -4.38
N4 MES C . 12.82 -14.62 -4.85
C5 MES C . 13.19 -13.37 -5.51
C6 MES C . 12.12 -12.99 -6.54
C7 MES C . 13.70 -14.96 -3.69
C8 MES C . 15.00 -15.36 -4.31
S MES C . 16.39 -15.72 -3.22
O1S MES C . 16.43 -14.45 -2.48
O2S MES C . 17.75 -16.16 -3.09
O3S MES C . 15.67 -16.49 -2.21
C5 VPR D . -5.05 -9.56 7.75
C4 VPR D . -4.96 -10.36 6.49
C3 VPR D . -5.48 -9.70 5.23
C2 VPR D . -6.16 -10.64 4.24
C3A VPR D . -5.36 -11.92 4.01
C4A VPR D . -6.05 -12.80 2.99
C5A VPR D . -5.62 -14.26 2.99
C1 VPR D . -6.51 -9.95 2.92
N VPR D . -5.65 -9.79 1.88
O VPR D . -7.66 -9.58 2.80
C5 VPR E . 3.20 7.78 10.02
C4 VPR E . 3.43 8.84 8.99
C3 VPR E . 4.31 8.40 7.83
C2 VPR E . 5.01 9.55 7.09
C3A VPR E . 4.20 10.82 6.97
C4A VPR E . 5.01 11.94 6.30
C5A VPR E . 4.71 13.35 6.82
C1 VPR E . 5.55 9.08 5.74
N VPR E . 4.86 9.15 4.57
O VPR E . 6.69 8.67 5.74
#